data_6HM1
#
_entry.id   6HM1
#
_cell.length_a   60.777
_cell.length_b   62.855
_cell.length_c   103.183
_cell.angle_alpha   90.00
_cell.angle_beta   90.00
_cell.angle_gamma   90.00
#
_symmetry.space_group_name_H-M   'P 21 21 21'
#
loop_
_entity.id
_entity.type
_entity.pdbx_description
1 polymer 'Glycoside hydrolase family 18'
2 non-polymer ALLOSAMIDIN
3 non-polymer 1,2-ETHANEDIOL
4 water water
#
_entity_poly.entity_id   1
_entity_poly.type   'polypeptide(L)'
_entity_poly.pdbx_seq_one_letter_code
;ASYLSVGYFNGGGDVTAGPGGDINKLDVTQITHLNYSFGLIYNDEKQETNPALKDPSRLHQIYLSPKVMADLQLLPVLRK
QNPELKVLLSVGGWGARGFSGAAATAESRAVFIRSVQQVIKQYHLDGIDLDWEYPVNGAWGLVESQPADRANFTLLLAEL
HKALDKGKLLTIAVGANVKSPQEWVDVKGIAPYLDYINLMTYDMAYGTQYFNSNLYDSKQWPTVAAADRYSANFVVDNYL
AAGLKPAQLNLGIGFYGRVPKRATEPGIDWDKADAAKNPVTQPYFTARETAVFKAMGLDLTKDSYFKYNDIVSKLLNDPQ
RRFTAHWDSDAQVPYLTMKSAEGKPLFAISYENPRSVALKADYIKSKGLGGAMFWEYGADDNNRLAHQLAESLGINGGKQ
;
_entity_poly.pdbx_strand_id   A
#
loop_
_chem_comp.id
_chem_comp.type
_chem_comp.name
_chem_comp.formula
AO3 non-polymer ALLOSAMIDIN 'C25 H42 N4 O14'
EDO non-polymer 1,2-ETHANEDIOL 'C2 H6 O2'
#
# COMPACT_ATOMS: atom_id res chain seq x y z
N ALA A 1 -4.71 11.17 -23.99
CA ALA A 1 -4.11 10.26 -23.02
C ALA A 1 -5.17 9.45 -22.26
N SER A 2 -4.81 8.24 -21.86
CA SER A 2 -5.66 7.40 -21.02
C SER A 2 -4.87 6.95 -19.81
N TYR A 3 -5.60 6.68 -18.73
CA TYR A 3 -5.00 6.37 -17.45
C TYR A 3 -5.67 5.16 -16.84
N LEU A 4 -4.89 4.39 -16.09
CA LEU A 4 -5.41 3.30 -15.29
C LEU A 4 -5.94 3.80 -13.95
N SER A 5 -6.88 3.06 -13.40
CA SER A 5 -7.21 3.16 -11.98
C SER A 5 -7.29 1.75 -11.43
N VAL A 6 -6.30 1.39 -10.63
CA VAL A 6 -6.06 0.03 -10.21
C VAL A 6 -6.48 -0.07 -8.74
N GLY A 7 -7.65 -0.66 -8.51
CA GLY A 7 -8.21 -0.72 -7.17
C GLY A 7 -7.91 -2.05 -6.51
N TYR A 8 -7.39 -1.97 -5.28
CA TYR A 8 -7.24 -3.17 -4.47
C TYR A 8 -8.45 -3.31 -3.57
N PHE A 9 -8.82 -4.57 -3.31
CA PHE A 9 -9.86 -4.87 -2.34
C PHE A 9 -9.32 -5.92 -1.38
N ASN A 10 -9.31 -5.57 -0.08
CA ASN A 10 -8.88 -6.49 0.96
C ASN A 10 -10.12 -7.28 1.38
N GLY A 11 -10.31 -8.43 0.73
CA GLY A 11 -11.47 -9.25 1.01
C GLY A 11 -11.17 -10.35 1.99
N GLY A 12 -9.99 -10.95 1.84
CA GLY A 12 -9.57 -11.99 2.75
C GLY A 12 -9.10 -11.42 4.08
N ASP A 22 -20.28 -7.40 1.05
CA ASP A 22 -18.88 -7.00 1.22
C ASP A 22 -18.26 -6.56 -0.11
N ILE A 23 -17.88 -7.54 -0.93
CA ILE A 23 -17.34 -7.23 -2.26
C ILE A 23 -18.43 -6.69 -3.18
N ASN A 24 -19.70 -6.91 -2.84
CA ASN A 24 -20.81 -6.44 -3.66
C ASN A 24 -21.06 -4.94 -3.52
N LYS A 25 -20.60 -4.33 -2.43
CA LYS A 25 -20.74 -2.89 -2.30
C LYS A 25 -19.78 -2.12 -3.19
N LEU A 26 -18.85 -2.80 -3.86
CA LEU A 26 -17.85 -2.13 -4.67
C LEU A 26 -18.43 -1.73 -6.02
N ASP A 27 -18.26 -0.46 -6.36
CA ASP A 27 -18.62 0.04 -7.68
C ASP A 27 -17.42 -0.17 -8.59
N VAL A 28 -17.45 -1.25 -9.38
CA VAL A 28 -16.32 -1.55 -10.26
C VAL A 28 -16.43 -0.85 -11.59
N THR A 29 -17.45 -0.01 -11.79
CA THR A 29 -17.50 0.78 -13.02
C THR A 29 -16.46 1.90 -13.04
N GLN A 30 -15.83 2.19 -11.90
CA GLN A 30 -14.97 3.35 -11.73
C GLN A 30 -13.49 3.01 -11.80
N ILE A 31 -13.16 1.74 -12.06
CA ILE A 31 -11.77 1.29 -12.09
C ILE A 31 -11.54 0.51 -13.37
N THR A 32 -10.26 0.44 -13.77
CA THR A 32 -9.86 -0.37 -14.91
C THR A 32 -9.38 -1.75 -14.50
N HIS A 33 -8.86 -1.87 -13.27
CA HIS A 33 -8.30 -3.11 -12.77
C HIS A 33 -8.71 -3.27 -11.32
N LEU A 34 -9.03 -4.51 -10.94
CA LEU A 34 -9.36 -4.85 -9.57
C LEU A 34 -8.39 -5.93 -9.12
N ASN A 35 -7.68 -5.66 -8.02
CA ASN A 35 -6.78 -6.63 -7.39
C ASN A 35 -7.44 -7.15 -6.13
N TYR A 36 -7.67 -8.45 -6.07
CA TYR A 36 -8.19 -9.06 -4.85
C TYR A 36 -7.04 -9.44 -3.93
N SER A 37 -7.10 -9.00 -2.69
CA SER A 37 -6.06 -9.27 -1.69
C SER A 37 -6.66 -10.09 -0.53
N PHE A 38 -5.95 -11.09 0.03
CA PHE A 38 -4.61 -11.53 -0.34
C PHE A 38 -4.58 -13.03 -0.60
N GLY A 39 -3.83 -13.48 -1.59
CA GLY A 39 -3.29 -14.82 -1.54
C GLY A 39 -2.05 -14.82 -0.66
N LEU A 40 -1.84 -15.93 0.05
CA LEU A 40 -0.66 -16.10 0.88
C LEU A 40 0.21 -17.20 0.29
N ILE A 41 1.33 -17.50 0.94
CA ILE A 41 2.29 -18.47 0.43
C ILE A 41 2.55 -19.49 1.51
N TYR A 42 2.30 -20.76 1.20
CA TYR A 42 2.75 -21.85 2.07
C TYR A 42 4.26 -21.75 2.24
N ASN A 43 4.74 -21.74 3.48
CA ASN A 43 6.15 -21.45 3.69
C ASN A 43 6.67 -22.20 4.90
N ASP A 44 7.99 -22.30 4.97
CA ASP A 44 8.68 -22.97 6.07
C ASP A 44 9.47 -22.01 6.93
N GLU A 45 9.13 -20.72 6.90
CA GLU A 45 9.78 -19.76 7.80
C GLU A 45 9.44 -20.09 9.25
N LYS A 46 10.47 -20.19 10.09
CA LYS A 46 10.26 -20.77 11.41
C LYS A 46 9.40 -19.89 12.31
N GLN A 47 9.32 -18.59 12.04
CA GLN A 47 8.49 -17.67 12.83
C GLN A 47 7.04 -17.60 12.35
N GLU A 48 6.68 -18.30 11.27
CA GLU A 48 5.31 -18.26 10.76
C GLU A 48 4.34 -18.70 11.85
N THR A 49 3.26 -17.94 12.02
CA THR A 49 2.26 -18.26 13.05
C THR A 49 0.94 -18.73 12.46
N ASN A 50 0.73 -18.61 11.16
CA ASN A 50 -0.50 -19.08 10.52
C ASN A 50 -0.40 -20.58 10.29
N PRO A 51 -1.16 -21.38 11.05
CA PRO A 51 -1.01 -22.84 10.93
C PRO A 51 -1.36 -23.39 9.56
N ALA A 52 -2.24 -22.71 8.81
CA ALA A 52 -2.61 -23.20 7.48
C ALA A 52 -1.44 -23.15 6.51
N LEU A 53 -0.47 -22.27 6.73
CA LEU A 53 0.63 -22.11 5.78
C LEU A 53 1.75 -23.11 5.99
N LYS A 54 1.66 -23.96 7.03
CA LYS A 54 2.77 -24.83 7.40
C LYS A 54 2.68 -26.22 6.80
N ASP A 55 1.69 -26.48 5.94
CA ASP A 55 1.55 -27.77 5.29
C ASP A 55 2.79 -28.04 4.44
N PRO A 56 3.62 -29.02 4.81
CA PRO A 56 4.84 -29.25 4.03
C PRO A 56 4.58 -29.79 2.64
N SER A 57 3.41 -30.39 2.40
CA SER A 57 3.09 -30.91 1.09
C SER A 57 2.73 -29.81 0.10
N ARG A 58 2.54 -28.57 0.55
CA ARG A 58 2.17 -27.48 -0.34
C ARG A 58 3.17 -26.33 -0.32
N LEU A 59 4.34 -26.54 0.28
CA LEU A 59 5.40 -25.54 0.36
C LEU A 59 5.61 -24.82 -0.98
N HIS A 60 5.59 -23.48 -0.92
CA HIS A 60 5.83 -22.54 -2.03
C HIS A 60 4.62 -22.35 -2.94
N GLN A 61 3.49 -23.00 -2.68
CA GLN A 61 2.28 -22.75 -3.44
C GLN A 61 1.51 -21.59 -2.82
N ILE A 62 0.49 -21.15 -3.56
CA ILE A 62 -0.39 -20.08 -3.09
C ILE A 62 -1.44 -20.68 -2.18
N TYR A 63 -1.66 -20.06 -1.02
CA TYR A 63 -2.74 -20.42 -0.12
C TYR A 63 -3.91 -19.46 -0.28
N LEU A 64 -5.10 -20.02 -0.48
CA LEU A 64 -6.35 -19.27 -0.56
C LEU A 64 -7.26 -19.72 0.58
N SER A 65 -7.59 -18.79 1.47
CA SER A 65 -8.50 -19.08 2.57
C SER A 65 -9.89 -19.36 2.03
N PRO A 66 -10.79 -19.91 2.85
CA PRO A 66 -12.17 -20.14 2.36
C PRO A 66 -12.87 -18.88 1.92
N LYS A 67 -12.71 -17.77 2.65
CA LYS A 67 -13.29 -16.49 2.23
C LYS A 67 -12.73 -16.04 0.89
N VAL A 68 -11.41 -16.19 0.69
CA VAL A 68 -10.80 -15.77 -0.57
C VAL A 68 -11.36 -16.60 -1.73
N MET A 69 -11.43 -17.91 -1.55
CA MET A 69 -11.98 -18.77 -2.59
C MET A 69 -13.43 -18.40 -2.89
N ALA A 70 -14.22 -18.15 -1.84
CA ALA A 70 -15.62 -17.79 -2.03
C ALA A 70 -15.76 -16.46 -2.76
N ASP A 71 -14.92 -15.48 -2.41
CA ASP A 71 -14.98 -14.18 -3.09
C ASP A 71 -14.55 -14.30 -4.55
N LEU A 72 -13.48 -15.06 -4.82
CA LEU A 72 -13.01 -15.18 -6.20
C LEU A 72 -14.07 -15.81 -7.09
N GLN A 73 -14.93 -16.67 -6.53
CA GLN A 73 -16.00 -17.24 -7.33
C GLN A 73 -17.10 -16.22 -7.63
N LEU A 74 -17.14 -15.10 -6.91
CA LEU A 74 -18.11 -14.06 -7.19
C LEU A 74 -17.67 -13.13 -8.31
N LEU A 75 -16.44 -13.25 -8.79
CA LEU A 75 -15.93 -12.30 -9.78
C LEU A 75 -16.71 -12.27 -11.10
N PRO A 76 -17.24 -13.38 -11.63
CA PRO A 76 -18.06 -13.25 -12.85
C PRO A 76 -19.26 -12.33 -12.69
N VAL A 77 -19.83 -12.22 -11.49
CA VAL A 77 -20.90 -11.26 -11.26
C VAL A 77 -20.38 -9.83 -11.43
N LEU A 78 -19.24 -9.53 -10.82
CA LEU A 78 -18.65 -8.20 -10.95
C LEU A 78 -18.34 -7.87 -12.40
N ARG A 79 -17.86 -8.85 -13.16
CA ARG A 79 -17.48 -8.59 -14.54
C ARG A 79 -18.67 -8.12 -15.37
N LYS A 80 -19.88 -8.54 -15.00
CA LYS A 80 -21.06 -8.08 -15.74
C LYS A 80 -21.26 -6.58 -15.58
N GLN A 81 -20.90 -6.04 -14.41
CA GLN A 81 -21.12 -4.63 -14.13
C GLN A 81 -20.13 -3.75 -14.89
N ASN A 82 -18.98 -4.29 -15.26
CA ASN A 82 -17.98 -3.57 -16.05
C ASN A 82 -17.28 -4.60 -16.92
N PRO A 83 -17.75 -4.78 -18.16
CA PRO A 83 -17.17 -5.83 -19.01
C PRO A 83 -15.73 -5.60 -19.42
N GLU A 84 -15.20 -4.39 -19.23
CA GLU A 84 -13.80 -4.11 -19.56
C GLU A 84 -12.86 -4.38 -18.39
N LEU A 85 -13.39 -4.67 -17.20
CA LEU A 85 -12.57 -4.80 -16.00
C LEU A 85 -11.60 -5.97 -16.11
N LYS A 86 -10.37 -5.74 -15.67
CA LYS A 86 -9.37 -6.79 -15.50
C LYS A 86 -9.28 -7.13 -14.02
N VAL A 87 -9.25 -8.43 -13.70
CA VAL A 87 -9.23 -8.89 -12.32
C VAL A 87 -7.97 -9.71 -12.08
N LEU A 88 -7.22 -9.35 -11.04
CA LEU A 88 -6.00 -10.04 -10.64
C LEU A 88 -6.13 -10.50 -9.20
N LEU A 89 -5.41 -11.58 -8.86
CA LEU A 89 -5.17 -11.91 -7.47
C LEU A 89 -3.83 -11.31 -7.06
N SER A 90 -3.81 -10.62 -5.92
CA SER A 90 -2.56 -10.13 -5.36
C SER A 90 -2.09 -11.10 -4.28
N VAL A 91 -0.85 -11.56 -4.41
CA VAL A 91 -0.23 -12.49 -3.48
C VAL A 91 0.77 -11.74 -2.61
N GLY A 92 0.64 -11.89 -1.29
CA GLY A 92 1.58 -11.29 -0.37
C GLY A 92 0.96 -10.34 0.62
N GLY A 93 1.53 -9.14 0.72
CA GLY A 93 1.06 -8.12 1.64
C GLY A 93 2.02 -7.94 2.80
N TRP A 94 1.75 -6.87 3.57
CA TRP A 94 2.52 -6.60 4.77
C TRP A 94 2.48 -7.81 5.70
N GLY A 95 3.67 -8.27 6.11
CA GLY A 95 3.76 -9.40 7.00
C GLY A 95 3.68 -10.77 6.35
N ALA A 96 3.46 -10.84 5.04
CA ALA A 96 3.28 -12.13 4.39
C ALA A 96 4.62 -12.79 4.14
N ARG A 97 4.81 -13.97 4.72
CA ARG A 97 6.04 -14.73 4.59
C ARG A 97 6.02 -15.58 3.31
N GLY A 98 7.20 -16.08 2.94
CA GLY A 98 7.28 -17.11 1.93
C GLY A 98 7.92 -16.70 0.61
N PHE A 99 8.01 -15.40 0.29
CA PHE A 99 8.56 -15.00 -1.01
C PHE A 99 10.04 -15.34 -1.11
N SER A 100 10.82 -15.09 -0.06
CA SER A 100 12.26 -15.33 -0.13
C SER A 100 12.55 -16.79 -0.48
N GLY A 101 11.86 -17.71 0.20
CA GLY A 101 12.05 -19.13 -0.10
C GLY A 101 11.48 -19.52 -1.44
N ALA A 102 10.32 -18.96 -1.81
CA ALA A 102 9.70 -19.32 -3.08
C ALA A 102 10.56 -18.89 -4.26
N ALA A 103 11.27 -17.77 -4.14
CA ALA A 103 12.07 -17.25 -5.22
C ALA A 103 13.47 -17.85 -5.29
N ALA A 104 13.85 -18.69 -4.32
CA ALA A 104 15.27 -18.93 -4.07
C ALA A 104 15.91 -19.92 -5.04
N THR A 105 15.17 -20.91 -5.54
CA THR A 105 15.79 -21.95 -6.36
C THR A 105 14.94 -22.22 -7.60
N ALA A 106 15.56 -22.93 -8.55
CA ALA A 106 14.81 -23.37 -9.73
C ALA A 106 13.63 -24.25 -9.32
N GLU A 107 13.82 -25.07 -8.28
CA GLU A 107 12.75 -25.95 -7.83
C GLU A 107 11.62 -25.15 -7.19
N SER A 108 11.95 -24.23 -6.28
CA SER A 108 10.91 -23.47 -5.59
C SER A 108 10.16 -22.55 -6.55
N ARG A 109 10.89 -21.89 -7.45
CA ARG A 109 10.23 -20.98 -8.38
C ARG A 109 9.25 -21.73 -9.28
N ALA A 110 9.60 -22.94 -9.71
CA ALA A 110 8.70 -23.71 -10.56
C ALA A 110 7.41 -24.06 -9.83
N VAL A 111 7.53 -24.42 -8.55
CA VAL A 111 6.34 -24.73 -7.75
C VAL A 111 5.45 -23.49 -7.67
N PHE A 112 6.04 -22.34 -7.39
CA PHE A 112 5.25 -21.13 -7.23
C PHE A 112 4.58 -20.74 -8.54
N ILE A 113 5.33 -20.78 -9.64
CA ILE A 113 4.80 -20.45 -10.96
C ILE A 113 3.68 -21.41 -11.33
N ARG A 114 3.87 -22.70 -11.08
CA ARG A 114 2.83 -23.68 -11.35
C ARG A 114 1.55 -23.35 -10.58
N SER A 115 1.70 -22.92 -9.32
CA SER A 115 0.54 -22.54 -8.51
C SER A 115 -0.13 -21.28 -9.04
N VAL A 116 0.66 -20.27 -9.43
CA VAL A 116 0.09 -19.09 -10.06
C VAL A 116 -0.73 -19.47 -11.28
N GLN A 117 -0.17 -20.33 -12.15
CA GLN A 117 -0.89 -20.72 -13.35
C GLN A 117 -2.20 -21.43 -13.00
N GLN A 118 -2.16 -22.29 -11.97
CA GLN A 118 -3.36 -23.01 -11.57
C GLN A 118 -4.44 -22.07 -11.06
N VAL A 119 -4.07 -21.08 -10.25
CA VAL A 119 -5.06 -20.18 -9.67
C VAL A 119 -5.68 -19.29 -10.74
N ILE A 120 -4.85 -18.78 -11.67
CA ILE A 120 -5.38 -17.96 -12.76
C ILE A 120 -6.39 -18.76 -13.59
N LYS A 121 -6.07 -20.01 -13.90
CA LYS A 121 -6.96 -20.84 -14.70
C LYS A 121 -8.24 -21.15 -13.93
N GLN A 122 -8.11 -21.59 -12.67
CA GLN A 122 -9.26 -22.05 -11.92
C GLN A 122 -10.29 -20.95 -11.70
N TYR A 123 -9.84 -19.73 -11.41
CA TYR A 123 -10.73 -18.64 -11.09
C TYR A 123 -10.91 -17.64 -12.22
N HIS A 124 -10.43 -17.98 -13.42
CA HIS A 124 -10.59 -17.15 -14.62
C HIS A 124 -10.06 -15.73 -14.41
N LEU A 125 -8.88 -15.63 -13.81
CA LEU A 125 -8.28 -14.34 -13.55
C LEU A 125 -7.58 -13.82 -14.79
N ASP A 126 -7.39 -12.50 -14.83
CA ASP A 126 -6.64 -11.89 -15.92
C ASP A 126 -5.16 -11.78 -15.63
N GLY A 127 -4.73 -12.05 -14.40
CA GLY A 127 -3.31 -12.02 -14.10
C GLY A 127 -3.07 -12.09 -12.61
N ILE A 128 -1.81 -11.83 -12.25
CA ILE A 128 -1.35 -11.97 -10.87
C ILE A 128 -0.54 -10.72 -10.52
N ASP A 129 -0.69 -10.29 -9.27
CA ASP A 129 0.05 -9.18 -8.69
C ASP A 129 0.87 -9.74 -7.53
N LEU A 130 2.17 -9.40 -7.47
CA LEU A 130 3.02 -9.85 -6.38
C LEU A 130 3.33 -8.68 -5.47
N ASP A 131 3.11 -8.87 -4.17
CA ASP A 131 3.22 -7.82 -3.17
C ASP A 131 4.17 -8.33 -2.09
N TRP A 132 5.47 -8.27 -2.40
CA TRP A 132 6.53 -8.80 -1.55
C TRP A 132 7.09 -7.67 -0.71
N GLU A 133 6.87 -7.73 0.60
CA GLU A 133 7.27 -6.64 1.49
C GLU A 133 8.23 -7.14 2.55
N TYR A 134 9.53 -7.18 2.26
CA TYR A 134 10.19 -6.67 1.06
C TYR A 134 11.40 -7.55 0.76
N PRO A 135 11.74 -7.71 -0.52
CA PRO A 135 12.99 -8.39 -0.84
C PRO A 135 14.17 -7.66 -0.22
N VAL A 136 15.16 -8.44 0.24
CA VAL A 136 16.44 -7.98 0.79
C VAL A 136 16.24 -7.40 2.18
N ASN A 137 15.37 -6.38 2.28
CA ASN A 137 15.19 -5.73 3.57
C ASN A 137 14.44 -6.61 4.55
N GLY A 138 13.54 -7.45 4.06
CA GLY A 138 12.62 -8.06 4.99
C GLY A 138 11.68 -6.98 5.49
N ALA A 139 11.17 -7.17 6.71
CA ALA A 139 10.30 -6.14 7.25
C ALA A 139 10.34 -6.22 8.77
N TRP A 140 11.44 -5.74 9.35
CA TRP A 140 11.63 -5.61 10.81
C TRP A 140 11.23 -6.89 11.53
N GLY A 141 11.77 -8.00 11.02
CA GLY A 141 11.57 -9.31 11.63
C GLY A 141 10.26 -9.98 11.28
N LEU A 142 9.43 -9.39 10.42
CA LEU A 142 8.15 -9.98 10.09
C LEU A 142 8.22 -10.96 8.91
N VAL A 143 9.25 -10.87 8.07
CA VAL A 143 9.42 -11.82 6.96
C VAL A 143 10.91 -12.09 6.77
N GLU A 144 11.24 -13.31 6.37
CA GLU A 144 12.63 -13.65 6.12
C GLU A 144 13.12 -13.02 4.82
N SER A 145 14.41 -12.65 4.82
CA SER A 145 15.01 -12.05 3.64
C SER A 145 16.50 -12.40 3.58
N GLN A 146 17.10 -12.09 2.44
CA GLN A 146 18.53 -12.26 2.21
C GLN A 146 18.94 -11.37 1.06
N PRO A 147 20.21 -10.95 0.98
CA PRO A 147 20.66 -10.16 -0.18
C PRO A 147 20.36 -10.80 -1.53
N ALA A 148 20.35 -12.14 -1.63
CA ALA A 148 20.03 -12.80 -2.90
C ALA A 148 18.60 -12.55 -3.38
N ASP A 149 17.71 -12.06 -2.51
CA ASP A 149 16.33 -11.77 -2.92
C ASP A 149 16.26 -10.91 -4.17
N ARG A 150 17.15 -9.93 -4.30
CA ARG A 150 17.06 -8.97 -5.40
C ARG A 150 17.20 -9.67 -6.74
N ALA A 151 18.28 -10.43 -6.92
CA ALA A 151 18.46 -11.20 -8.16
C ALA A 151 17.41 -12.29 -8.29
N ASN A 152 16.99 -12.91 -7.18
CA ASN A 152 16.01 -13.98 -7.27
C ASN A 152 14.65 -13.46 -7.70
N PHE A 153 14.27 -12.26 -7.25
CA PHE A 153 13.02 -11.66 -7.66
C PHE A 153 13.01 -11.44 -9.16
N THR A 154 14.13 -10.93 -9.72
CA THR A 154 14.23 -10.78 -11.16
C THR A 154 14.06 -12.10 -11.88
N LEU A 155 14.72 -13.16 -11.38
CA LEU A 155 14.58 -14.49 -11.99
C LEU A 155 13.14 -14.95 -11.95
N LEU A 156 12.49 -14.78 -10.80
CA LEU A 156 11.11 -15.23 -10.65
C LEU A 156 10.18 -14.50 -11.61
N LEU A 157 10.36 -13.19 -11.75
CA LEU A 157 9.51 -12.44 -12.67
C LEU A 157 9.80 -12.79 -14.12
N ALA A 158 11.07 -12.98 -14.46
CA ALA A 158 11.39 -13.41 -15.83
C ALA A 158 10.78 -14.78 -16.13
N GLU A 159 10.86 -15.71 -15.18
CA GLU A 159 10.33 -17.04 -15.42
C GLU A 159 8.80 -17.05 -15.40
N LEU A 160 8.18 -16.19 -14.59
CA LEU A 160 6.73 -16.02 -14.63
C LEU A 160 6.29 -15.46 -15.97
N HIS A 161 6.99 -14.45 -16.47
CA HIS A 161 6.67 -13.88 -17.76
C HIS A 161 6.72 -14.95 -18.86
N LYS A 162 7.74 -15.80 -18.84
CA LYS A 162 7.84 -16.83 -19.87
C LYS A 162 6.74 -17.88 -19.73
N ALA A 163 6.31 -18.17 -18.50
CA ALA A 163 5.31 -19.21 -18.28
C ALA A 163 3.88 -18.74 -18.53
N LEU A 164 3.57 -17.47 -18.25
CA LEU A 164 2.19 -17.01 -18.35
C LEU A 164 1.73 -16.99 -19.80
N ASP A 165 0.47 -17.37 -20.01
CA ASP A 165 -0.13 -17.22 -21.33
C ASP A 165 -0.04 -15.77 -21.77
N LYS A 166 0.27 -15.58 -23.05
CA LYS A 166 0.44 -14.22 -23.56
C LYS A 166 -0.83 -13.43 -23.33
N GLY A 167 -0.69 -12.24 -22.78
CA GLY A 167 -1.82 -11.39 -22.48
C GLY A 167 -2.24 -11.38 -21.03
N LYS A 168 -1.92 -12.42 -20.26
CA LYS A 168 -2.18 -12.36 -18.84
C LYS A 168 -1.27 -11.32 -18.19
N LEU A 169 -1.77 -10.68 -17.14
CA LEU A 169 -1.08 -9.56 -16.51
C LEU A 169 -0.13 -10.05 -15.42
N LEU A 170 1.02 -9.41 -15.34
CA LEU A 170 1.97 -9.62 -14.26
C LEU A 170 2.36 -8.24 -13.74
N THR A 171 2.01 -7.95 -12.49
CA THR A 171 2.28 -6.65 -11.88
C THR A 171 2.88 -6.88 -10.51
N ILE A 172 3.52 -5.85 -9.95
CA ILE A 172 4.03 -5.90 -8.59
C ILE A 172 3.73 -4.59 -7.90
N ALA A 173 3.74 -4.64 -6.57
CA ALA A 173 3.69 -3.47 -5.72
C ALA A 173 5.07 -3.25 -5.11
N VAL A 174 5.48 -1.99 -5.02
CA VAL A 174 6.80 -1.66 -4.47
C VAL A 174 6.67 -0.56 -3.43
N GLY A 175 7.66 -0.55 -2.51
CA GLY A 175 7.60 0.33 -1.35
C GLY A 175 8.05 1.75 -1.62
N ALA A 176 7.70 2.63 -0.67
CA ALA A 176 8.10 4.02 -0.75
C ALA A 176 9.58 4.24 -0.39
N ASN A 177 10.17 3.35 0.42
CA ASN A 177 11.51 3.56 0.94
C ASN A 177 12.51 3.82 -0.18
N VAL A 178 13.37 4.83 0.04
CA VAL A 178 14.37 5.20 -0.95
C VAL A 178 15.22 4.00 -1.34
N LYS A 179 15.40 3.05 -0.43
CA LYS A 179 16.26 1.91 -0.70
C LYS A 179 15.62 0.88 -1.62
N SER A 180 14.30 0.95 -1.84
CA SER A 180 13.65 -0.06 -2.67
C SER A 180 14.18 -0.09 -4.11
N PRO A 181 14.14 1.00 -4.88
CA PRO A 181 14.71 0.92 -6.24
C PRO A 181 16.23 0.88 -6.23
N GLN A 182 16.88 1.32 -5.16
CA GLN A 182 18.34 1.37 -5.15
C GLN A 182 18.97 0.05 -4.74
N GLU A 183 18.36 -0.67 -3.80
CA GLU A 183 19.00 -1.84 -3.21
C GLU A 183 18.15 -3.10 -3.24
N TRP A 184 16.82 -2.96 -3.13
CA TRP A 184 15.98 -4.13 -2.90
C TRP A 184 15.48 -4.75 -4.19
N VAL A 185 15.13 -3.93 -5.17
CA VAL A 185 14.52 -4.37 -6.41
C VAL A 185 15.35 -3.81 -7.56
N ASP A 186 15.68 -4.67 -8.52
CA ASP A 186 16.40 -4.26 -9.75
C ASP A 186 15.33 -3.79 -10.74
N VAL A 187 15.00 -2.50 -10.69
CA VAL A 187 13.82 -2.02 -11.41
C VAL A 187 14.04 -2.09 -12.92
N LYS A 188 15.25 -1.75 -13.39
CA LYS A 188 15.52 -1.87 -14.81
C LYS A 188 15.51 -3.33 -15.26
N GLY A 189 15.94 -4.23 -14.37
CA GLY A 189 15.98 -5.64 -14.71
C GLY A 189 14.62 -6.30 -14.80
N ILE A 190 13.65 -5.81 -14.01
CA ILE A 190 12.33 -6.44 -13.98
C ILE A 190 11.33 -5.73 -14.88
N ALA A 191 11.60 -4.49 -15.29
CA ALA A 191 10.66 -3.73 -16.11
C ALA A 191 10.20 -4.46 -17.36
N PRO A 192 11.03 -5.24 -18.06
CA PRO A 192 10.54 -5.93 -19.27
C PRO A 192 9.48 -6.96 -19.01
N TYR A 193 9.25 -7.39 -17.76
CA TYR A 193 8.36 -8.49 -17.45
C TYR A 193 7.03 -8.06 -16.86
N LEU A 194 6.81 -6.76 -16.67
CA LEU A 194 5.69 -6.26 -15.89
C LEU A 194 4.79 -5.38 -16.73
N ASP A 195 3.48 -5.60 -16.64
CA ASP A 195 2.55 -4.72 -17.35
C ASP A 195 2.57 -3.32 -16.76
N TYR A 196 2.63 -3.23 -15.44
CA TYR A 196 2.77 -1.94 -14.75
C TYR A 196 3.23 -2.23 -13.34
N ILE A 197 3.61 -1.16 -12.64
CA ILE A 197 4.20 -1.25 -11.32
C ILE A 197 3.43 -0.31 -10.39
N ASN A 198 2.93 -0.85 -9.28
CA ASN A 198 2.11 -0.09 -8.34
C ASN A 198 2.99 0.47 -7.23
N LEU A 199 3.18 1.78 -7.21
CA LEU A 199 4.01 2.43 -6.20
C LEU A 199 3.19 2.66 -4.93
N MET A 200 3.66 2.16 -3.80
CA MET A 200 2.93 2.34 -2.55
C MET A 200 3.38 3.64 -1.89
N THR A 201 2.88 4.75 -2.49
CA THR A 201 3.27 6.11 -2.13
C THR A 201 2.46 6.63 -0.94
N TYR A 202 2.61 5.92 0.18
CA TYR A 202 1.90 6.26 1.42
C TYR A 202 2.63 5.57 2.56
N ASP A 203 2.03 5.58 3.76
CA ASP A 203 2.66 5.06 4.97
C ASP A 203 3.96 5.80 5.26
N MET A 204 3.87 7.13 5.29
CA MET A 204 5.00 7.99 5.57
C MET A 204 4.94 8.65 6.95
N ALA A 205 3.89 8.41 7.72
CA ALA A 205 3.71 9.08 9.01
C ALA A 205 4.42 8.32 10.12
N TYR A 206 5.73 8.17 9.93
CA TYR A 206 6.60 7.44 10.85
C TYR A 206 7.76 8.34 11.24
N GLY A 207 8.46 7.94 12.29
CA GLY A 207 9.62 8.70 12.73
C GLY A 207 9.23 10.11 13.09
N THR A 208 9.87 11.09 12.45
CA THR A 208 9.62 12.49 12.76
C THR A 208 8.66 13.17 11.77
N GLN A 209 7.99 12.40 10.92
CA GLN A 209 7.10 12.96 9.91
C GLN A 209 5.65 12.93 10.37
N TYR A 210 4.94 14.04 10.16
CA TYR A 210 3.53 14.10 10.52
C TYR A 210 2.63 13.43 9.49
N PHE A 211 2.94 13.58 8.20
CA PHE A 211 2.00 13.26 7.13
C PHE A 211 2.20 11.86 6.60
N ASN A 212 1.09 11.20 6.28
CA ASN A 212 1.10 9.83 5.82
C ASN A 212 1.19 9.67 4.32
N SER A 213 0.68 10.62 3.55
CA SER A 213 0.65 10.48 2.10
C SER A 213 0.66 11.85 1.44
N ASN A 214 1.39 12.79 2.06
CA ASN A 214 1.60 14.11 1.47
C ASN A 214 2.20 13.99 0.08
N LEU A 215 1.72 14.84 -0.84
CA LEU A 215 2.28 14.87 -2.19
C LEU A 215 3.64 15.56 -2.20
N TYR A 216 3.78 16.66 -1.46
CA TYR A 216 5.03 17.39 -1.30
C TYR A 216 5.30 17.58 0.19
N ASP A 217 6.47 18.11 0.52
CA ASP A 217 6.82 18.28 1.94
C ASP A 217 5.99 19.39 2.56
N SER A 218 5.57 19.17 3.81
CA SER A 218 4.90 20.23 4.55
C SER A 218 5.94 21.24 5.06
N LYS A 219 5.59 22.52 4.96
CA LYS A 219 6.34 23.57 5.62
C LYS A 219 5.76 23.93 6.99
N GLN A 220 4.44 23.89 7.13
CA GLN A 220 3.81 24.21 8.40
C GLN A 220 4.06 23.13 9.44
N TRP A 221 4.16 21.87 9.01
CA TRP A 221 4.33 20.71 9.89
C TRP A 221 5.55 19.92 9.42
N PRO A 222 6.74 20.46 9.60
CA PRO A 222 7.90 19.89 8.92
C PRO A 222 8.45 18.63 9.58
N THR A 223 8.99 17.77 8.73
CA THR A 223 9.68 16.58 9.18
C THR A 223 11.09 16.94 9.62
N VAL A 224 11.50 16.49 10.81
CA VAL A 224 12.72 17.00 11.43
C VAL A 224 13.96 16.22 10.98
N ALA A 225 13.89 14.90 10.98
CA ALA A 225 15.03 14.07 10.60
C ALA A 225 15.03 13.87 9.09
N ALA A 226 16.18 14.14 8.47
CA ALA A 226 16.28 14.14 7.01
C ALA A 226 15.85 12.80 6.42
N ALA A 227 16.21 11.70 7.08
CA ALA A 227 15.91 10.39 6.53
C ALA A 227 14.43 10.05 6.57
N ASP A 228 13.64 10.85 7.29
CA ASP A 228 12.20 10.65 7.37
C ASP A 228 11.43 11.48 6.37
N ARG A 229 12.10 12.32 5.58
CA ARG A 229 11.44 13.37 4.80
C ARG A 229 10.93 12.79 3.48
N TYR A 230 9.76 12.18 3.54
CA TYR A 230 9.14 11.50 2.40
C TYR A 230 7.93 12.27 1.91
N SER A 231 7.64 12.10 0.61
CA SER A 231 6.47 12.61 -0.06
C SER A 231 6.23 11.73 -1.27
N ALA A 232 5.00 11.74 -1.78
CA ALA A 232 4.72 10.91 -2.94
C ALA A 232 5.54 11.37 -4.15
N ASN A 233 5.69 12.69 -4.30
CA ASN A 233 6.53 13.22 -5.38
C ASN A 233 7.96 12.72 -5.29
N PHE A 234 8.54 12.72 -4.08
CA PHE A 234 9.90 12.22 -3.92
C PHE A 234 10.01 10.74 -4.31
N VAL A 235 9.03 9.92 -3.89
CA VAL A 235 9.08 8.50 -4.21
C VAL A 235 9.02 8.29 -5.72
N VAL A 236 8.12 9.00 -6.41
CA VAL A 236 8.02 8.88 -7.86
C VAL A 236 9.35 9.25 -8.50
N ASP A 237 9.91 10.37 -8.07
CA ASP A 237 11.18 10.82 -8.64
C ASP A 237 12.27 9.78 -8.43
N ASN A 238 12.25 9.08 -7.30
CA ASN A 238 13.29 8.08 -7.07
C ASN A 238 13.15 6.88 -8.00
N TYR A 239 11.92 6.46 -8.28
CA TYR A 239 11.76 5.35 -9.22
C TYR A 239 12.07 5.79 -10.64
N LEU A 240 11.73 7.04 -11.00
CA LEU A 240 12.10 7.53 -12.32
C LEU A 240 13.61 7.61 -12.47
N ALA A 241 14.30 8.13 -11.44
CA ALA A 241 15.75 8.27 -11.51
C ALA A 241 16.43 6.92 -11.59
N ALA A 242 15.80 5.88 -11.01
CA ALA A 242 16.32 4.53 -11.10
C ALA A 242 16.12 3.90 -12.46
N GLY A 243 15.34 4.54 -13.34
CA GLY A 243 15.24 4.10 -14.71
C GLY A 243 13.88 3.58 -15.16
N LEU A 244 12.85 3.67 -14.33
CA LEU A 244 11.52 3.28 -14.77
C LEU A 244 10.88 4.40 -15.58
N LYS A 245 10.18 4.01 -16.62
CA LYS A 245 9.49 5.00 -17.44
C LYS A 245 8.16 5.38 -16.80
N PRO A 246 7.75 6.65 -16.89
CA PRO A 246 6.52 7.08 -16.19
C PRO A 246 5.28 6.31 -16.59
N ALA A 247 5.14 5.91 -17.87
CA ALA A 247 3.92 5.24 -18.30
C ALA A 247 3.75 3.88 -17.67
N GLN A 248 4.83 3.28 -17.13
CA GLN A 248 4.71 1.98 -16.50
C GLN A 248 4.28 2.07 -15.04
N LEU A 249 4.17 3.28 -14.49
CA LEU A 249 3.98 3.46 -13.05
C LEU A 249 2.57 3.89 -12.70
N ASN A 250 2.02 3.31 -11.63
CA ASN A 250 0.80 3.81 -11.03
C ASN A 250 1.12 4.44 -9.67
N LEU A 251 0.64 5.66 -9.45
CA LEU A 251 0.79 6.33 -8.17
C LEU A 251 -0.23 5.77 -7.20
N GLY A 252 0.24 5.17 -6.11
CA GLY A 252 -0.66 4.61 -5.12
C GLY A 252 -1.26 5.67 -4.22
N ILE A 253 -2.56 5.49 -3.92
CA ILE A 253 -3.35 6.40 -3.09
C ILE A 253 -3.95 5.59 -1.96
N GLY A 254 -3.80 6.08 -0.73
CA GLY A 254 -4.31 5.39 0.44
C GLY A 254 -5.67 5.91 0.86
N PHE A 255 -6.66 5.02 0.89
CA PHE A 255 -8.01 5.38 1.32
C PHE A 255 -8.12 5.27 2.85
N TYR A 256 -7.15 5.88 3.52
CA TYR A 256 -7.02 5.79 4.97
C TYR A 256 -6.06 6.89 5.41
N GLY A 257 -5.98 7.08 6.73
CA GLY A 257 -5.04 8.00 7.31
C GLY A 257 -4.29 7.34 8.47
N ARG A 258 -3.31 8.07 9.00
CA ARG A 258 -2.55 7.54 10.13
C ARG A 258 -2.33 8.62 11.18
N VAL A 259 -2.42 8.20 12.43
CA VAL A 259 -1.92 9.00 13.55
C VAL A 259 -0.40 8.91 13.47
N PRO A 260 0.32 10.03 13.34
CA PRO A 260 1.78 9.93 13.18
C PRO A 260 2.44 9.31 14.41
N LYS A 261 3.48 8.50 14.17
CA LYS A 261 4.24 7.96 15.29
C LYS A 261 4.77 9.07 16.19
N ARG A 262 5.03 10.25 15.60
CA ARG A 262 5.55 11.38 16.35
C ARG A 262 4.61 11.82 17.48
N ALA A 263 3.33 11.50 17.37
CA ALA A 263 2.38 11.85 18.43
C ALA A 263 2.59 11.02 19.69
N THR A 264 3.10 9.78 19.55
CA THR A 264 3.14 8.85 20.66
C THR A 264 4.51 8.27 20.97
N GLU A 265 5.51 8.48 20.13
CA GLU A 265 6.84 7.90 20.32
C GLU A 265 7.89 8.96 20.05
N PRO A 266 8.97 9.01 20.84
CA PRO A 266 10.07 9.94 20.52
C PRO A 266 10.62 9.70 19.13
N GLY A 267 10.92 10.78 18.43
CA GLY A 267 11.48 10.69 17.08
C GLY A 267 13.00 10.81 17.12
N ILE A 268 13.67 9.84 16.50
CA ILE A 268 15.12 9.73 16.51
C ILE A 268 15.66 10.20 15.17
N ASP A 269 16.75 10.98 15.20
CA ASP A 269 17.50 11.32 13.98
C ASP A 269 18.75 10.46 13.98
N TRP A 270 18.70 9.34 13.24
CA TRP A 270 19.79 8.37 13.29
C TRP A 270 21.05 8.86 12.59
N ASP A 271 21.02 10.02 11.94
CA ASP A 271 22.26 10.60 11.44
C ASP A 271 23.09 11.26 12.54
N LYS A 272 22.55 11.40 13.74
CA LYS A 272 23.32 11.89 14.89
C LYS A 272 24.12 10.76 15.52
N ALA A 273 25.34 11.07 15.95
CA ALA A 273 26.17 10.08 16.63
C ALA A 273 25.54 9.63 17.94
N ASP A 274 24.92 10.56 18.66
CA ASP A 274 24.22 10.28 19.91
C ASP A 274 22.71 10.14 19.69
N ALA A 275 22.31 9.44 18.64
CA ALA A 275 20.93 9.49 18.17
C ALA A 275 19.94 8.94 19.19
N ALA A 276 20.19 7.74 19.69
CA ALA A 276 19.13 7.01 20.37
C ALA A 276 18.74 7.67 21.68
N LYS A 277 19.69 8.29 22.36
CA LYS A 277 19.44 8.85 23.68
C LYS A 277 19.01 10.30 23.65
N ASN A 278 18.95 10.92 22.47
CA ASN A 278 18.68 12.36 22.34
C ASN A 278 17.68 12.61 21.23
N PRO A 279 16.42 12.22 21.44
CA PRO A 279 15.42 12.36 20.37
C PRO A 279 15.26 13.81 19.93
N VAL A 280 14.93 13.97 18.65
CA VAL A 280 14.72 15.30 18.08
C VAL A 280 13.26 15.69 18.08
N THR A 281 12.34 14.77 18.36
CA THR A 281 10.95 15.12 18.62
C THR A 281 10.44 14.30 19.80
N GLN A 282 9.50 14.90 20.54
CA GLN A 282 8.90 14.25 21.69
C GLN A 282 7.40 14.07 21.49
N PRO A 283 6.83 13.02 22.06
CA PRO A 283 5.39 12.79 21.85
C PRO A 283 4.57 13.90 22.49
N TYR A 284 3.43 14.19 21.87
CA TYR A 284 2.53 15.21 22.37
C TYR A 284 1.14 14.68 22.72
N PHE A 285 0.84 13.43 22.39
CA PHE A 285 -0.33 12.79 22.97
C PHE A 285 -0.06 12.44 24.42
N THR A 286 -1.07 12.64 25.26
CA THR A 286 -1.10 12.08 26.60
C THR A 286 -2.06 10.90 26.61
N ALA A 287 -2.17 10.25 27.78
CA ALA A 287 -3.15 9.18 27.94
C ALA A 287 -4.55 9.61 27.52
N ARG A 288 -4.88 10.89 27.73
CA ARG A 288 -6.18 11.40 27.35
C ARG A 288 -6.45 11.20 25.86
N GLU A 289 -5.50 11.62 25.01
CA GLU A 289 -5.72 11.51 23.56
C GLU A 289 -5.65 10.06 23.10
N THR A 290 -4.73 9.28 23.66
CA THR A 290 -4.65 7.87 23.30
C THR A 290 -5.94 7.13 23.65
N ALA A 291 -6.56 7.49 24.79
CA ALA A 291 -7.81 6.86 25.17
C ALA A 291 -8.95 7.25 24.22
N VAL A 292 -8.94 8.47 23.71
CA VAL A 292 -9.96 8.88 22.75
C VAL A 292 -9.93 7.97 21.53
N PHE A 293 -8.72 7.71 21.01
CA PHE A 293 -8.63 6.84 19.83
C PHE A 293 -8.93 5.39 20.19
N LYS A 294 -8.47 4.92 21.35
CA LYS A 294 -8.77 3.56 21.78
C LYS A 294 -10.26 3.32 21.87
N ALA A 295 -11.00 4.30 22.40
CA ALA A 295 -12.45 4.19 22.52
C ALA A 295 -13.14 4.17 21.16
N MET A 296 -12.45 4.52 20.08
CA MET A 296 -13.01 4.48 18.75
C MET A 296 -12.49 3.31 17.93
N GLY A 297 -11.78 2.38 18.56
CA GLY A 297 -11.32 1.19 17.89
C GLY A 297 -9.87 1.20 17.46
N LEU A 298 -9.16 2.32 17.63
CA LEU A 298 -7.76 2.43 17.21
C LEU A 298 -6.86 2.37 18.43
N ASP A 299 -6.23 1.22 18.64
CA ASP A 299 -5.25 1.04 19.72
C ASP A 299 -3.89 1.42 19.16
N LEU A 300 -3.41 2.60 19.54
CA LEU A 300 -2.15 3.13 19.00
C LEU A 300 -0.94 2.34 19.48
N THR A 301 -1.07 1.44 20.46
CA THR A 301 0.04 0.55 20.78
C THR A 301 0.19 -0.59 19.77
N LYS A 302 -0.82 -0.82 18.93
CA LYS A 302 -0.79 -1.89 17.94
C LYS A 302 -0.60 -1.39 16.52
N ASP A 303 -1.30 -0.33 16.12
CA ASP A 303 -1.14 0.23 14.78
C ASP A 303 -1.67 1.66 14.82
N SER A 304 -1.65 2.33 13.68
CA SER A 304 -1.95 3.75 13.66
C SER A 304 -2.92 4.16 12.57
N TYR A 305 -3.45 3.23 11.78
CA TYR A 305 -4.27 3.65 10.64
C TYR A 305 -5.75 3.69 11.00
N PHE A 306 -6.47 4.48 10.21
CA PHE A 306 -7.92 4.63 10.32
C PHE A 306 -8.45 4.70 8.90
N LYS A 307 -9.33 3.76 8.54
CA LYS A 307 -9.93 3.72 7.22
C LYS A 307 -10.69 5.01 6.94
N TYR A 308 -10.71 5.42 5.67
CA TYR A 308 -11.38 6.68 5.34
C TYR A 308 -12.84 6.67 5.79
N ASN A 309 -13.57 5.56 5.58
CA ASN A 309 -14.98 5.59 5.99
C ASN A 309 -15.12 5.75 7.50
N ASP A 310 -14.16 5.23 8.27
CA ASP A 310 -14.17 5.45 9.71
C ASP A 310 -13.75 6.87 10.07
N ILE A 311 -12.82 7.46 9.31
CA ILE A 311 -12.51 8.88 9.51
C ILE A 311 -13.76 9.72 9.34
N VAL A 312 -14.53 9.44 8.28
CA VAL A 312 -15.75 10.20 8.03
C VAL A 312 -16.75 10.00 9.16
N SER A 313 -17.00 8.75 9.55
CA SER A 313 -18.08 8.49 10.49
C SER A 313 -17.69 8.86 11.92
N LYS A 314 -16.45 8.59 12.32
CA LYS A 314 -16.06 8.77 13.71
C LYS A 314 -15.33 10.08 13.99
N LEU A 315 -14.60 10.63 13.03
CA LEU A 315 -13.83 11.83 13.29
C LEU A 315 -14.46 13.07 12.69
N LEU A 316 -14.73 13.08 11.38
CA LEU A 316 -15.33 14.25 10.76
C LEU A 316 -16.75 14.47 11.25
N ASN A 317 -17.46 13.40 11.57
CA ASN A 317 -18.83 13.49 12.07
C ASN A 317 -18.92 13.02 13.52
N ASP A 318 -17.97 13.44 14.33
CA ASP A 318 -18.04 13.21 15.76
C ASP A 318 -19.12 14.11 16.35
N PRO A 319 -20.07 13.57 17.13
CA PRO A 319 -21.14 14.45 17.64
C PRO A 319 -20.64 15.62 18.47
N GLN A 320 -19.58 15.43 19.25
CA GLN A 320 -19.06 16.53 20.05
C GLN A 320 -17.93 17.29 19.35
N ARG A 321 -17.73 17.05 18.05
CA ARG A 321 -16.86 17.85 17.20
C ARG A 321 -15.47 18.03 17.81
N ARG A 322 -14.91 16.93 18.31
CA ARG A 322 -13.59 17.00 18.90
C ARG A 322 -12.47 17.12 17.87
N PHE A 323 -12.75 16.86 16.60
CA PHE A 323 -11.71 16.90 15.57
C PHE A 323 -12.04 18.00 14.58
N THR A 324 -11.05 18.85 14.29
CA THR A 324 -11.21 19.97 13.38
C THR A 324 -10.42 19.66 12.11
N ALA A 325 -11.05 19.83 10.96
CA ALA A 325 -10.42 19.55 9.69
C ALA A 325 -9.64 20.74 9.16
N HIS A 326 -8.46 20.48 8.62
CA HIS A 326 -7.55 21.49 8.10
C HIS A 326 -6.96 21.02 6.79
N TRP A 327 -6.45 21.97 6.00
CA TRP A 327 -5.79 21.69 4.73
C TRP A 327 -4.36 22.21 4.82
N ASP A 328 -3.39 21.36 4.44
CA ASP A 328 -2.00 21.78 4.32
C ASP A 328 -1.75 22.10 2.85
N SER A 329 -1.57 23.40 2.54
CA SER A 329 -1.49 23.81 1.14
CA SER A 329 -1.49 23.82 1.15
C SER A 329 -0.19 23.38 0.47
N ASP A 330 0.85 23.09 1.24
CA ASP A 330 2.09 22.62 0.64
C ASP A 330 2.09 21.10 0.48
N ALA A 331 1.61 20.37 1.49
CA ALA A 331 1.52 18.92 1.37
C ALA A 331 0.40 18.46 0.47
N GLN A 332 -0.62 19.30 0.31
CA GLN A 332 -1.80 19.04 -0.53
C GLN A 332 -2.59 17.83 -0.03
N VAL A 333 -2.71 17.72 1.28
CA VAL A 333 -3.56 16.70 1.89
C VAL A 333 -4.23 17.31 3.11
N PRO A 334 -5.36 16.74 3.54
CA PRO A 334 -6.03 17.20 4.75
C PRO A 334 -5.43 16.58 6.00
N TYR A 335 -5.73 17.22 7.13
CA TYR A 335 -5.37 16.66 8.42
C TYR A 335 -6.36 17.17 9.46
N LEU A 336 -6.44 16.44 10.58
CA LEU A 336 -7.31 16.81 11.69
C LEU A 336 -6.49 17.16 12.91
N THR A 337 -6.94 18.16 13.67
CA THR A 337 -6.41 18.42 14.99
C THR A 337 -7.47 18.11 16.05
N MET A 338 -6.99 17.83 17.25
CA MET A 338 -7.83 17.71 18.43
C MET A 338 -7.26 18.61 19.51
N LYS A 339 -8.10 19.06 20.43
CA LYS A 339 -7.66 19.99 21.46
C LYS A 339 -7.10 19.22 22.63
N SER A 340 -5.92 19.62 23.10
CA SER A 340 -5.35 19.04 24.30
C SER A 340 -6.18 19.46 25.52
N ALA A 341 -5.83 18.89 26.68
CA ALA A 341 -6.53 19.24 27.91
C ALA A 341 -6.44 20.74 28.21
N GLU A 342 -5.34 21.38 27.80
CA GLU A 342 -5.17 22.81 27.92
C GLU A 342 -5.78 23.59 26.77
N GLY A 343 -6.49 22.93 25.86
CA GLY A 343 -7.14 23.62 24.75
C GLY A 343 -6.23 24.00 23.60
N LYS A 344 -5.12 23.33 23.46
CA LYS A 344 -4.15 23.59 22.40
C LYS A 344 -4.32 22.57 21.27
N PRO A 345 -4.22 22.98 20.01
CA PRO A 345 -4.39 22.02 18.92
C PRO A 345 -3.26 21.02 18.89
N LEU A 346 -3.61 19.76 18.65
CA LEU A 346 -2.64 18.67 18.48
C LEU A 346 -2.89 18.00 17.15
N PHE A 347 -1.83 17.83 16.36
CA PHE A 347 -1.93 17.17 15.06
C PHE A 347 -2.30 15.71 15.26
N ALA A 348 -3.51 15.32 14.86
CA ALA A 348 -4.05 14.01 15.21
C ALA A 348 -3.88 12.97 14.12
N ILE A 349 -4.14 13.33 12.86
CA ILE A 349 -4.14 12.36 11.76
C ILE A 349 -4.18 13.11 10.43
N SER A 350 -3.40 12.65 9.44
CA SER A 350 -3.55 13.11 8.07
C SER A 350 -4.07 11.96 7.22
N TYR A 351 -4.71 12.31 6.10
CA TYR A 351 -5.45 11.31 5.35
C TYR A 351 -5.63 11.83 3.92
N GLU A 352 -6.58 11.23 3.20
CA GLU A 352 -6.90 11.63 1.83
C GLU A 352 -8.39 11.92 1.76
N ASN A 353 -8.76 13.01 1.09
CA ASN A 353 -10.18 13.29 0.87
C ASN A 353 -10.37 13.55 -0.62
N PRO A 354 -11.59 13.85 -1.10
CA PRO A 354 -11.73 14.07 -2.56
C PRO A 354 -10.80 15.16 -3.11
N ARG A 355 -10.58 16.25 -2.36
CA ARG A 355 -9.71 17.32 -2.85
C ARG A 355 -8.29 16.82 -3.06
N SER A 356 -7.76 16.07 -2.09
CA SER A 356 -6.37 15.62 -2.24
C SER A 356 -6.24 14.50 -3.26
N VAL A 357 -7.27 13.66 -3.39
CA VAL A 357 -7.25 12.62 -4.41
C VAL A 357 -7.24 13.26 -5.80
N ALA A 358 -8.04 14.31 -5.97
CA ALA A 358 -8.05 15.02 -7.25
C ALA A 358 -6.69 15.61 -7.58
N LEU A 359 -6.01 16.17 -6.57
CA LEU A 359 -4.68 16.74 -6.81
C LEU A 359 -3.66 15.65 -7.15
N LYS A 360 -3.82 14.44 -6.60
CA LYS A 360 -2.90 13.37 -6.99
C LYS A 360 -3.20 12.88 -8.40
N ALA A 361 -4.48 12.84 -8.80
CA ALA A 361 -4.78 12.53 -10.19
C ALA A 361 -4.22 13.60 -11.12
N ASP A 362 -4.33 14.88 -10.74
CA ASP A 362 -3.74 15.92 -11.56
C ASP A 362 -2.23 15.73 -11.69
N TYR A 363 -1.58 15.29 -10.61
CA TYR A 363 -0.15 15.04 -10.63
C TYR A 363 0.19 13.91 -11.59
N ILE A 364 -0.57 12.82 -11.52
CA ILE A 364 -0.43 11.71 -12.46
C ILE A 364 -0.44 12.22 -13.88
N LYS A 365 -1.44 13.06 -14.20
CA LYS A 365 -1.58 13.55 -15.57
C LYS A 365 -0.41 14.44 -15.97
N SER A 366 0.06 15.29 -15.04
CA SER A 366 1.12 16.24 -15.34
C SER A 366 2.44 15.56 -15.61
N LYS A 367 2.64 14.35 -15.04
CA LYS A 367 3.89 13.61 -15.16
C LYS A 367 3.82 12.50 -16.19
N GLY A 368 2.66 12.29 -16.82
CA GLY A 368 2.53 11.19 -17.76
C GLY A 368 2.64 9.82 -17.12
N LEU A 369 2.28 9.69 -15.85
CA LEU A 369 2.26 8.37 -15.26
C LEU A 369 1.17 7.52 -15.90
N GLY A 370 1.28 6.21 -15.70
CA GLY A 370 0.34 5.30 -16.33
C GLY A 370 -1.05 5.34 -15.71
N GLY A 371 -1.14 5.75 -14.45
CA GLY A 371 -2.42 5.81 -13.79
C GLY A 371 -2.26 5.90 -12.29
N ALA A 372 -3.37 5.61 -11.61
CA ALA A 372 -3.43 5.55 -10.17
C ALA A 372 -3.66 4.11 -9.72
N MET A 373 -3.24 3.84 -8.50
CA MET A 373 -3.62 2.65 -7.78
C MET A 373 -4.16 3.09 -6.44
N PHE A 374 -5.05 2.29 -5.83
CA PHE A 374 -5.48 2.66 -4.49
C PHE A 374 -5.65 1.44 -3.58
N TRP A 375 -5.38 1.69 -2.32
CA TRP A 375 -5.55 0.74 -1.23
C TRP A 375 -6.45 1.38 -0.18
N GLU A 376 -7.65 0.86 0.11
CA GLU A 376 -8.27 -0.26 -0.57
C GLU A 376 -9.77 0.02 -0.62
N TYR A 377 -10.47 -0.64 -1.55
CA TYR A 377 -11.82 -0.19 -1.89
C TYR A 377 -12.80 -0.37 -0.72
N GLY A 378 -12.54 -1.34 0.16
CA GLY A 378 -13.40 -1.54 1.31
C GLY A 378 -13.40 -0.40 2.31
N ALA A 379 -12.43 0.49 2.23
CA ALA A 379 -12.29 1.62 3.15
C ALA A 379 -12.86 2.91 2.59
N ASP A 380 -13.35 2.90 1.35
CA ASP A 380 -13.91 4.11 0.75
C ASP A 380 -15.24 4.46 1.43
N ASP A 381 -15.65 5.72 1.28
CA ASP A 381 -16.90 6.24 1.83
C ASP A 381 -17.89 6.36 0.68
N ASN A 382 -18.79 5.38 0.54
CA ASN A 382 -19.80 5.40 -0.52
C ASN A 382 -19.13 5.61 -1.88
N ASN A 383 -17.98 4.97 -2.07
CA ASN A 383 -17.21 5.00 -3.31
C ASN A 383 -16.74 6.41 -3.69
N ARG A 384 -16.73 7.36 -2.76
CA ARG A 384 -16.50 8.75 -3.14
C ARG A 384 -15.06 9.02 -3.56
N LEU A 385 -14.08 8.39 -2.90
CA LEU A 385 -12.69 8.63 -3.32
C LEU A 385 -12.40 8.01 -4.68
N ALA A 386 -12.90 6.79 -4.91
CA ALA A 386 -12.70 6.18 -6.22
C ALA A 386 -13.43 6.95 -7.31
N HIS A 387 -14.62 7.47 -7.00
CA HIS A 387 -15.35 8.29 -7.97
CA HIS A 387 -15.37 8.29 -7.95
C HIS A 387 -14.57 9.54 -8.33
N GLN A 388 -14.04 10.24 -7.33
CA GLN A 388 -13.23 11.42 -7.60
C GLN A 388 -12.03 11.07 -8.46
N LEU A 389 -11.37 9.95 -8.14
CA LEU A 389 -10.22 9.52 -8.92
C LEU A 389 -10.61 9.29 -10.38
N ALA A 390 -11.73 8.58 -10.59
CA ALA A 390 -12.17 8.30 -11.96
C ALA A 390 -12.55 9.58 -12.70
N GLU A 391 -13.18 10.53 -12.00
CA GLU A 391 -13.56 11.79 -12.65
C GLU A 391 -12.33 12.57 -13.07
N SER A 392 -11.38 12.71 -12.14
CA SER A 392 -10.18 13.48 -12.43
C SER A 392 -9.31 12.84 -13.50
N LEU A 393 -9.29 11.49 -13.59
CA LEU A 393 -8.49 10.82 -14.61
C LEU A 393 -9.24 10.61 -15.91
N GLY A 394 -10.52 10.97 -15.96
CA GLY A 394 -11.28 10.77 -17.18
C GLY A 394 -11.64 9.33 -17.46
N ILE A 395 -11.72 8.50 -16.41
CA ILE A 395 -12.13 7.11 -16.54
C ILE A 395 -13.63 7.07 -16.78
C1 AO3 B . -3.46 -7.14 9.17
C2 AO3 B . -2.73 -7.83 10.31
C3 AO3 B . -3.72 -8.75 11.06
C4 AO3 B . -5.02 -8.05 11.40
C5 AO3 B . -5.60 -7.28 10.22
C6 AO3 B . -6.69 -6.21 10.65
C7 AO3 B . -0.34 -8.07 10.00
C8 AO3 B . 0.82 -8.88 9.47
N2 AO3 B . -1.56 -8.54 9.83
O3 AO3 B . -4.01 -9.83 10.20
O4 AO3 B . -5.90 -9.05 11.93
O5 AO3 B . -4.62 -6.48 9.61
O6 AO3 B . -6.29 -5.26 11.75
O7 AO3 B . -0.11 -7.06 10.52
C11 AO3 B . -2.19 -3.77 5.42
C12 AO3 B . -3.26 -3.29 6.37
C13 AO3 B . -3.12 -4.08 7.64
C14 AO3 B . -3.05 -5.59 7.41
C15 AO3 B . -2.04 -5.92 6.33
C16 AO3 B . -2.03 -7.36 5.88
C17 AO3 B . -4.05 -1.05 6.06
C18 AO3 B . -3.78 0.40 6.29
N12 AO3 B . -3.13 -1.88 6.57
O13 AO3 B . -1.93 -3.68 8.24
O14 AO3 B . -2.61 -6.17 8.64
O15 AO3 B . -2.30 -5.14 5.19
O16 AO3 B . -1.06 -7.63 4.92
O17 AO3 B . -5.01 -1.35 5.47
C21 AO3 B . -0.34 -2.00 1.43
C22 AO3 B . 0.05 -3.48 1.47
C23 AO3 B . -1.03 -4.10 2.34
C24 AO3 B . -1.30 -3.00 3.36
C25 AO3 B . -1.42 -1.77 2.48
C26 AO3 B . -1.30 -0.42 3.17
C27 AO3 B . -0.54 -2.90 -0.63
C28 AO3 B . -0.30 -4.05 -2.70
C29 AO3 B . -1.26 -1.85 -2.68
N22 AO3 B . -0.06 -3.85 0.05
N27 AO3 B . -0.70 -2.93 -1.92
O23 AO3 B . -0.57 -5.27 2.99
O24 AO3 B . -2.39 -3.09 4.23
O26 AO3 B . -0.11 -0.27 3.86
O27 AO3 B . -0.81 -1.74 0.15
C1 EDO C . 1.00 -1.92 8.43
O1 EDO C . 0.19 -0.95 9.11
C2 EDO C . 1.06 -1.65 6.92
O2 EDO C . -0.20 -1.14 6.46
C1 EDO D . 8.33 5.85 4.46
O1 EDO D . 7.92 5.21 5.68
C2 EDO D . 9.15 4.86 3.65
O2 EDO D . 10.19 4.34 4.47
C1 EDO E . 3.92 -1.14 3.94
O1 EDO E . 5.32 -0.83 3.84
C2 EDO E . 3.28 -0.87 2.60
O2 EDO E . 3.47 0.52 2.26
#